data_2HMS
#
_entry.id   2HMS
#
_cell.length_a   164.881
_cell.length_b   164.881
_cell.length_c   57.240
_cell.angle_alpha   90.00
_cell.angle_beta   90.00
_cell.angle_gamma   120.00
#
_symmetry.space_group_name_H-M   'P 31 1 2'
#
loop_
_entity.id
_entity.type
_entity.pdbx_description
1 polymer 'YuaA protein'
2 non-polymer '1,4-DIHYDRONICOTINAMIDE ADENINE DINUCLEOTIDE'
3 water water
#
_entity_poly.entity_id   1
_entity_poly.type   'polypeptide(L)'
_entity_poly.pdbx_seq_one_letter_code
;MGRIKNKQFAVIGLGRFGGSIVKELHRMGHEVLAVDINEEKVNAYASYATHAVIANATEENELLSLGIRNFEYVIVAIGA
NIQASTLTTLLLKELDIPNIWVKAQNYYHHKVLEKIGADRIIHPEKDMGVKIAQSLSDENVLNY
;
_entity_poly.pdbx_strand_id   A,B,C,D
#
loop_
_chem_comp.id
_chem_comp.type
_chem_comp.name
_chem_comp.formula
NAI non-polymer '1,4-DIHYDRONICOTINAMIDE ADENINE DINUCLEOTIDE' 'C21 H29 N7 O14 P2'
#
# COMPACT_ATOMS: atom_id res chain seq x y z
N LYS A 7 33.25 -1.44 0.13
CA LYS A 7 33.89 -2.63 0.75
C LYS A 7 32.92 -3.31 1.72
N GLN A 8 32.19 -2.49 2.48
CA GLN A 8 31.22 -2.97 3.45
C GLN A 8 29.84 -3.01 2.78
N PHE A 9 29.27 -4.21 2.63
CA PHE A 9 27.95 -4.34 2.00
C PHE A 9 26.89 -4.98 2.89
N ALA A 10 25.72 -4.36 2.94
CA ALA A 10 24.60 -4.86 3.73
C ALA A 10 23.34 -4.85 2.85
N VAL A 11 22.61 -5.96 2.86
CA VAL A 11 21.38 -6.06 2.09
C VAL A 11 20.22 -6.39 3.02
N ILE A 12 19.18 -5.56 3.03
CA ILE A 12 18.02 -5.80 3.88
C ILE A 12 16.84 -6.21 3.04
N GLY A 13 16.31 -7.40 3.32
CA GLY A 13 15.18 -7.92 2.55
C GLY A 13 15.72 -8.94 1.58
N LEU A 14 15.66 -10.21 1.98
CA LEU A 14 16.19 -11.31 1.18
C LEU A 14 15.20 -12.01 0.26
N GLY A 15 14.57 -11.24 -0.62
CA GLY A 15 13.65 -11.82 -1.57
C GLY A 15 14.38 -12.10 -2.88
N ARG A 16 13.64 -12.24 -3.98
CA ARG A 16 14.26 -12.49 -5.27
C ARG A 16 15.35 -11.45 -5.57
N PHE A 17 15.02 -10.17 -5.43
CA PHE A 17 15.98 -9.12 -5.69
C PHE A 17 17.15 -9.15 -4.71
N GLY A 18 16.85 -8.87 -3.43
CA GLY A 18 17.89 -8.85 -2.42
C GLY A 18 18.72 -10.11 -2.26
N GLY A 19 18.07 -11.27 -2.25
CA GLY A 19 18.82 -12.50 -2.11
C GLY A 19 19.73 -12.74 -3.31
N SER A 20 19.30 -12.23 -4.45
CA SER A 20 20.04 -12.39 -5.69
C SER A 20 21.28 -11.52 -5.69
N ILE A 21 21.23 -10.39 -5.00
CA ILE A 21 22.41 -9.54 -4.97
C ILE A 21 23.38 -10.10 -3.93
N VAL A 22 22.84 -10.67 -2.85
CA VAL A 22 23.69 -11.24 -1.81
C VAL A 22 24.45 -12.40 -2.40
N LYS A 23 23.77 -13.22 -3.20
CA LYS A 23 24.44 -14.36 -3.83
C LYS A 23 25.57 -13.90 -4.75
N GLU A 24 25.34 -12.84 -5.53
CA GLU A 24 26.37 -12.36 -6.45
C GLU A 24 27.59 -11.76 -5.75
N LEU A 25 27.36 -10.96 -4.72
CA LEU A 25 28.47 -10.37 -3.98
C LEU A 25 29.36 -11.46 -3.38
N HIS A 26 28.72 -12.50 -2.86
CA HIS A 26 29.41 -13.63 -2.26
C HIS A 26 30.27 -14.31 -3.32
N ARG A 27 29.64 -14.63 -4.45
CA ARG A 27 30.33 -15.30 -5.54
C ARG A 27 31.55 -14.53 -6.03
N MET A 28 31.57 -13.23 -5.82
CA MET A 28 32.71 -12.43 -6.25
C MET A 28 33.64 -12.16 -5.06
N GLY A 29 33.40 -12.87 -3.96
CA GLY A 29 34.24 -12.72 -2.79
C GLY A 29 34.14 -11.44 -1.98
N HIS A 30 32.97 -10.82 -1.96
CA HIS A 30 32.80 -9.61 -1.18
C HIS A 30 32.14 -9.94 0.15
N GLU A 31 32.34 -9.09 1.16
CA GLU A 31 31.71 -9.31 2.46
C GLU A 31 30.29 -8.77 2.38
N VAL A 32 29.33 -9.57 2.83
CA VAL A 32 27.94 -9.18 2.78
C VAL A 32 27.17 -9.50 4.07
N LEU A 33 26.45 -8.51 4.59
CA LEU A 33 25.61 -8.71 5.77
C LEU A 33 24.19 -8.85 5.22
N ALA A 34 23.63 -10.05 5.28
CA ALA A 34 22.27 -10.28 4.81
C ALA A 34 21.32 -10.18 6.01
N VAL A 35 20.16 -9.56 5.83
CA VAL A 35 19.21 -9.39 6.92
C VAL A 35 17.76 -9.54 6.48
N ASP A 36 16.95 -10.18 7.33
CA ASP A 36 15.53 -10.41 7.02
C ASP A 36 14.72 -10.64 8.29
N ILE A 37 13.38 -10.61 8.18
CA ILE A 37 12.51 -10.82 9.34
C ILE A 37 12.25 -12.27 9.71
N ASN A 38 12.15 -13.15 8.72
CA ASN A 38 11.91 -14.56 9.06
C ASN A 38 13.17 -15.40 8.91
N GLU A 39 13.41 -16.29 9.87
CA GLU A 39 14.60 -17.11 9.86
C GLU A 39 14.75 -18.01 8.65
N GLU A 40 13.64 -18.53 8.12
CA GLU A 40 13.74 -19.38 6.95
C GLU A 40 14.60 -18.68 5.91
N LYS A 41 14.27 -17.42 5.64
CA LYS A 41 15.04 -16.62 4.67
C LYS A 41 16.47 -16.44 5.17
N VAL A 42 16.62 -15.99 6.40
CA VAL A 42 17.94 -15.77 6.99
C VAL A 42 18.84 -17.01 6.90
N ASN A 43 18.30 -18.17 7.24
CA ASN A 43 19.09 -19.40 7.19
C ASN A 43 19.48 -19.81 5.78
N ALA A 44 18.54 -19.72 4.85
CA ALA A 44 18.77 -20.08 3.46
C ALA A 44 19.83 -19.23 2.77
N TYR A 45 20.33 -18.22 3.47
CA TYR A 45 21.36 -17.34 2.91
C TYR A 45 22.60 -17.28 3.79
N ALA A 46 22.59 -18.05 4.87
CA ALA A 46 23.72 -18.10 5.79
C ALA A 46 24.99 -18.47 5.04
N SER A 47 24.87 -19.48 4.20
CA SER A 47 26.01 -19.96 3.42
C SER A 47 26.47 -19.01 2.33
N TYR A 48 25.66 -18.01 1.98
CA TYR A 48 26.05 -17.07 0.93
C TYR A 48 26.44 -15.69 1.46
N ALA A 49 26.48 -15.54 2.78
CA ALA A 49 26.82 -14.24 3.36
C ALA A 49 27.78 -14.39 4.52
N THR A 50 28.64 -13.40 4.71
CA THR A 50 29.56 -13.48 5.83
C THR A 50 28.74 -13.50 7.12
N HIS A 51 27.51 -12.98 7.07
CA HIS A 51 26.60 -12.95 8.21
C HIS A 51 25.14 -12.78 7.80
N ALA A 52 24.27 -13.64 8.34
CA ALA A 52 22.84 -13.60 8.04
C ALA A 52 22.05 -13.38 9.33
N VAL A 53 21.62 -12.15 9.56
CA VAL A 53 20.88 -11.81 10.78
C VAL A 53 19.36 -11.68 10.63
N ILE A 54 18.65 -12.04 11.69
CA ILE A 54 17.20 -11.92 11.70
C ILE A 54 16.86 -10.58 12.31
N ALA A 55 16.10 -9.77 11.60
CA ALA A 55 15.74 -8.45 12.12
C ALA A 55 14.59 -7.78 11.37
N ASN A 56 13.97 -6.84 12.06
CA ASN A 56 12.89 -6.04 11.51
C ASN A 56 13.59 -4.70 11.33
N ALA A 57 13.92 -4.37 10.09
CA ALA A 57 14.62 -3.14 9.76
C ALA A 57 13.92 -1.87 10.19
N THR A 58 12.62 -1.95 10.41
CA THR A 58 11.82 -0.80 10.82
C THR A 58 12.11 -0.39 12.27
N GLU A 59 12.68 -1.33 13.03
CA GLU A 59 13.03 -1.10 14.43
C GLU A 59 14.41 -0.45 14.51
N GLU A 60 14.46 0.81 14.93
CA GLU A 60 15.73 1.53 15.03
C GLU A 60 16.70 0.91 16.03
N ASN A 61 16.17 0.21 17.03
CA ASN A 61 17.04 -0.42 18.01
C ASN A 61 17.66 -1.68 17.40
N GLU A 62 16.87 -2.44 16.64
CA GLU A 62 17.37 -3.64 15.99
C GLU A 62 18.41 -3.26 14.95
N LEU A 63 18.28 -2.07 14.38
CA LEU A 63 19.19 -1.57 13.37
C LEU A 63 20.55 -1.25 13.98
N LEU A 64 20.52 -0.76 15.21
CA LEU A 64 21.75 -0.42 15.92
C LEU A 64 22.47 -1.67 16.40
N SER A 65 21.71 -2.70 16.76
CA SER A 65 22.28 -3.96 17.21
C SER A 65 23.16 -4.57 16.13
N LEU A 66 22.73 -4.41 14.88
CA LEU A 66 23.49 -4.93 13.75
C LEU A 66 24.69 -4.03 13.44
N GLY A 67 24.79 -2.92 14.16
CA GLY A 67 25.90 -2.02 13.92
C GLY A 67 25.89 -1.65 12.45
N ILE A 68 24.68 -1.46 11.92
CA ILE A 68 24.47 -1.12 10.52
C ILE A 68 25.18 0.16 10.10
N ARG A 69 25.54 1.00 11.06
CA ARG A 69 26.20 2.26 10.75
C ARG A 69 27.61 2.05 10.23
N ASN A 70 28.14 0.84 10.43
CA ASN A 70 29.48 0.50 9.97
C ASN A 70 29.53 0.12 8.50
N PHE A 71 28.42 0.30 7.79
CA PHE A 71 28.40 -0.06 6.38
C PHE A 71 28.30 1.17 5.49
N GLU A 72 28.97 1.10 4.34
CA GLU A 72 28.97 2.21 3.40
C GLU A 72 27.83 2.07 2.43
N TYR A 73 27.44 0.84 2.15
CA TYR A 73 26.36 0.57 1.22
C TYR A 73 25.27 -0.32 1.81
N VAL A 74 24.07 0.23 1.91
CA VAL A 74 22.95 -0.55 2.43
C VAL A 74 21.88 -0.58 1.34
N ILE A 75 21.42 -1.78 1.02
CA ILE A 75 20.39 -1.91 0.00
C ILE A 75 19.09 -2.33 0.65
N VAL A 76 18.06 -1.51 0.49
CA VAL A 76 16.77 -1.82 1.04
C VAL A 76 16.04 -2.54 -0.06
N ALA A 77 15.69 -3.81 0.20
CA ALA A 77 15.02 -4.62 -0.81
C ALA A 77 13.78 -5.26 -0.24
N ILE A 78 13.12 -4.56 0.67
CA ILE A 78 11.90 -5.07 1.27
C ILE A 78 10.89 -5.09 0.12
N GLY A 79 9.89 -5.94 0.22
CA GLY A 79 8.92 -6.05 -0.84
C GLY A 79 7.58 -5.36 -0.71
N ALA A 80 6.52 -6.14 -0.91
CA ALA A 80 5.16 -5.65 -0.84
C ALA A 80 4.93 -4.46 0.10
N ASN A 81 5.38 -4.58 1.35
CA ASN A 81 5.17 -3.50 2.30
C ASN A 81 5.92 -2.22 1.95
N ILE A 82 5.29 -1.38 1.13
CA ILE A 82 5.92 -0.15 0.73
C ILE A 82 6.33 0.77 1.89
N GLN A 83 5.49 0.90 2.93
CA GLN A 83 5.83 1.75 4.06
C GLN A 83 7.06 1.18 4.76
N ALA A 84 7.07 -0.13 4.92
CA ALA A 84 8.20 -0.80 5.57
C ALA A 84 9.48 -0.34 4.89
N SER A 85 9.45 -0.28 3.57
CA SER A 85 10.59 0.14 2.78
C SER A 85 11.02 1.58 3.05
N THR A 86 10.10 2.54 2.90
CA THR A 86 10.44 3.94 3.11
C THR A 86 10.77 4.20 4.58
N LEU A 87 10.09 3.49 5.49
CA LEU A 87 10.37 3.65 6.91
C LEU A 87 11.81 3.21 7.18
N THR A 88 12.19 2.06 6.65
CA THR A 88 13.55 1.56 6.84
C THR A 88 14.55 2.58 6.30
N THR A 89 14.34 3.03 5.06
CA THR A 89 15.29 3.98 4.49
C THR A 89 15.31 5.35 5.16
N LEU A 90 14.28 5.67 5.92
CA LEU A 90 14.24 6.94 6.63
C LEU A 90 15.17 6.78 7.82
N LEU A 91 15.04 5.61 8.45
CA LEU A 91 15.82 5.23 9.63
C LEU A 91 17.32 5.21 9.40
N LEU A 92 17.77 4.47 8.39
CA LEU A 92 19.19 4.38 8.15
C LEU A 92 19.74 5.62 7.47
N LYS A 93 18.89 6.62 7.26
CA LYS A 93 19.34 7.87 6.67
C LYS A 93 19.64 8.84 7.79
N GLU A 94 19.13 8.55 8.99
CA GLU A 94 19.39 9.39 10.14
C GLU A 94 20.55 8.75 10.90
N LEU A 95 21.13 7.73 10.30
CA LEU A 95 22.29 7.03 10.86
C LEU A 95 23.47 7.44 9.99
N ASP A 96 23.20 8.37 9.07
CA ASP A 96 24.20 8.92 8.15
C ASP A 96 24.85 7.94 7.18
N ILE A 97 24.17 6.85 6.87
CA ILE A 97 24.72 5.88 5.94
C ILE A 97 25.00 6.54 4.58
N PRO A 98 26.26 6.50 4.15
CA PRO A 98 26.81 7.05 2.90
C PRO A 98 26.05 6.74 1.63
N ASN A 99 25.67 5.48 1.46
CA ASN A 99 24.92 5.08 0.28
C ASN A 99 23.78 4.15 0.61
N ILE A 100 22.58 4.56 0.24
CA ILE A 100 21.42 3.74 0.47
C ILE A 100 20.76 3.52 -0.89
N TRP A 101 20.67 2.27 -1.30
CA TRP A 101 20.04 1.91 -2.57
C TRP A 101 18.75 1.21 -2.20
N VAL A 102 17.65 1.63 -2.83
CA VAL A 102 16.35 1.08 -2.54
C VAL A 102 15.59 0.61 -3.77
N LYS A 103 14.87 -0.50 -3.60
CA LYS A 103 14.03 -1.01 -4.67
C LYS A 103 12.72 -0.21 -4.55
N ALA A 104 12.25 0.35 -5.65
CA ALA A 104 11.02 1.14 -5.65
C ALA A 104 9.85 0.31 -6.15
N GLN A 105 8.77 0.32 -5.38
CA GLN A 105 7.59 -0.45 -5.75
C GLN A 105 6.87 0.14 -6.95
N ASN A 106 6.74 1.46 -6.99
CA ASN A 106 6.03 2.12 -8.09
C ASN A 106 6.48 3.57 -8.25
N TYR A 107 5.65 4.35 -8.92
CA TYR A 107 5.95 5.76 -9.18
C TYR A 107 5.93 6.69 -7.97
N TYR A 108 4.89 6.63 -7.14
CA TYR A 108 4.86 7.51 -5.97
C TYR A 108 5.94 7.08 -5.01
N HIS A 109 6.23 5.79 -4.98
CA HIS A 109 7.26 5.29 -4.07
C HIS A 109 8.60 5.87 -4.51
N HIS A 110 8.82 5.90 -5.81
CA HIS A 110 10.07 6.41 -6.33
C HIS A 110 10.30 7.86 -5.91
N LYS A 111 9.28 8.69 -6.11
CA LYS A 111 9.41 10.10 -5.78
C LYS A 111 9.60 10.38 -4.30
N VAL A 112 8.94 9.62 -3.46
CA VAL A 112 9.09 9.82 -2.04
C VAL A 112 10.50 9.38 -1.62
N LEU A 113 10.98 8.26 -2.16
CA LEU A 113 12.33 7.75 -1.86
C LEU A 113 13.39 8.78 -2.25
N GLU A 114 13.13 9.44 -3.37
CA GLU A 114 13.96 10.48 -3.95
C GLU A 114 14.12 11.61 -2.94
N LYS A 115 13.00 12.06 -2.38
CA LYS A 115 13.00 13.14 -1.39
C LYS A 115 13.51 12.68 -0.02
N ILE A 116 13.30 11.42 0.31
CA ILE A 116 13.75 10.86 1.58
C ILE A 116 15.28 10.92 1.65
N GLY A 117 15.92 10.96 0.49
CA GLY A 117 17.37 11.02 0.45
C GLY A 117 18.07 9.75 -0.04
N ALA A 118 17.32 8.87 -0.70
CA ALA A 118 17.91 7.65 -1.23
C ALA A 118 18.95 8.05 -2.27
N ASP A 119 20.06 7.34 -2.29
CA ASP A 119 21.15 7.62 -3.21
C ASP A 119 20.95 6.98 -4.58
N ARG A 120 20.26 5.84 -4.62
CA ARG A 120 19.99 5.15 -5.88
C ARG A 120 18.68 4.40 -5.76
N ILE A 121 17.83 4.54 -6.77
CA ILE A 121 16.54 3.87 -6.75
C ILE A 121 16.45 2.83 -7.85
N ILE A 122 16.07 1.61 -7.49
CA ILE A 122 15.96 0.53 -8.48
C ILE A 122 14.53 0.06 -8.75
N HIS A 123 14.22 -0.12 -10.03
CA HIS A 123 12.93 -0.61 -10.48
C HIS A 123 13.25 -1.91 -11.23
N PRO A 124 13.45 -3.00 -10.49
CA PRO A 124 13.76 -4.33 -11.01
C PRO A 124 13.16 -4.70 -12.36
N GLU A 125 11.83 -4.70 -12.43
CA GLU A 125 11.14 -5.05 -13.67
C GLU A 125 11.45 -4.10 -14.82
N LYS A 126 11.18 -2.82 -14.62
CA LYS A 126 11.42 -1.82 -15.66
C LYS A 126 12.88 -1.84 -16.07
N ASP A 127 13.77 -1.76 -15.09
CA ASP A 127 15.19 -1.72 -15.40
C ASP A 127 15.66 -2.91 -16.22
N MET A 128 15.26 -4.13 -15.82
CA MET A 128 15.66 -5.32 -16.56
C MET A 128 14.99 -5.22 -17.93
N GLY A 129 13.80 -4.62 -17.93
CA GLY A 129 13.05 -4.43 -19.16
C GLY A 129 13.85 -3.70 -20.22
N VAL A 130 14.50 -2.58 -19.90
CA VAL A 130 15.28 -1.88 -20.93
C VAL A 130 16.55 -2.62 -21.30
N LYS A 131 17.11 -3.37 -20.35
CA LYS A 131 18.32 -4.14 -20.66
C LYS A 131 17.98 -5.22 -21.71
N ILE A 132 16.84 -5.90 -21.52
CA ILE A 132 16.44 -6.93 -22.47
C ILE A 132 16.17 -6.25 -23.82
N ALA A 133 15.45 -5.13 -23.81
CA ALA A 133 15.17 -4.43 -25.05
C ALA A 133 16.48 -4.03 -25.74
N GLN A 134 17.51 -3.77 -24.95
CA GLN A 134 18.81 -3.40 -25.51
C GLN A 134 19.44 -4.64 -26.15
N SER A 135 19.26 -5.81 -25.53
CA SER A 135 19.79 -7.06 -26.08
C SER A 135 19.11 -7.29 -27.42
N LEU A 136 17.80 -7.11 -27.44
CA LEU A 136 17.04 -7.30 -28.67
C LEU A 136 17.50 -6.31 -29.72
N SER A 137 17.54 -5.04 -29.35
CA SER A 137 17.98 -4.00 -30.26
C SER A 137 19.32 -4.35 -30.88
N ASP A 138 20.28 -4.77 -30.06
CA ASP A 138 21.61 -5.12 -30.55
C ASP A 138 21.54 -6.14 -31.68
N GLU A 139 20.58 -7.07 -31.60
CA GLU A 139 20.42 -8.10 -32.63
C GLU A 139 20.07 -7.49 -33.98
N ASN A 140 19.91 -6.17 -34.00
CA ASN A 140 19.59 -5.47 -35.24
C ASN A 140 20.56 -4.34 -35.53
N VAL A 141 20.79 -3.49 -34.54
CA VAL A 141 21.69 -2.35 -34.70
C VAL A 141 23.16 -2.73 -34.78
N LEU A 142 23.60 -3.70 -33.98
CA LEU A 142 24.99 -4.13 -34.00
C LEU A 142 25.22 -5.00 -35.23
N ASN A 143 26.49 -5.13 -35.61
CA ASN A 143 26.86 -5.93 -36.78
C ASN A 143 26.97 -7.40 -36.34
N TYR A 144 25.88 -8.14 -36.50
CA TYR A 144 25.81 -9.54 -36.18
C TYR A 144 24.91 -10.20 -37.19
N LYS B 7 14.85 -9.33 -36.72
CA LYS B 7 14.63 -7.96 -37.24
C LYS B 7 13.33 -7.36 -36.70
N GLN B 8 12.35 -8.22 -36.48
CA GLN B 8 11.04 -7.80 -35.97
C GLN B 8 10.85 -8.21 -34.52
N PHE B 9 10.23 -7.33 -33.73
CA PHE B 9 10.01 -7.61 -32.31
C PHE B 9 8.56 -7.53 -31.90
N ALA B 10 8.09 -8.58 -31.23
CA ALA B 10 6.72 -8.64 -30.75
C ALA B 10 6.74 -8.87 -29.24
N VAL B 11 5.90 -8.15 -28.50
CA VAL B 11 5.87 -8.31 -27.06
C VAL B 11 4.44 -8.51 -26.55
N ILE B 12 4.22 -9.68 -25.97
CA ILE B 12 2.91 -10.07 -25.42
C ILE B 12 2.95 -9.98 -23.91
N GLY B 13 2.18 -9.06 -23.35
CA GLY B 13 2.16 -8.90 -21.91
C GLY B 13 2.73 -7.55 -21.53
N LEU B 14 1.87 -6.54 -21.52
CA LEU B 14 2.29 -5.17 -21.21
C LEU B 14 2.31 -4.78 -19.74
N GLY B 15 2.91 -5.61 -18.90
CA GLY B 15 3.02 -5.27 -17.48
C GLY B 15 4.21 -4.35 -17.25
N ARG B 16 4.81 -4.38 -16.07
CA ARG B 16 5.96 -3.51 -15.84
C ARG B 16 7.12 -3.92 -16.75
N PHE B 17 7.34 -5.22 -16.88
CA PHE B 17 8.41 -5.77 -17.70
C PHE B 17 8.21 -5.56 -19.19
N GLY B 18 7.16 -6.16 -19.74
CA GLY B 18 6.90 -6.00 -21.15
C GLY B 18 6.71 -4.56 -21.55
N GLY B 19 6.05 -3.79 -20.69
CA GLY B 19 5.81 -2.39 -21.01
C GLY B 19 7.13 -1.67 -21.22
N SER B 20 8.04 -1.90 -20.28
CA SER B 20 9.37 -1.29 -20.32
C SER B 20 10.11 -1.70 -21.59
N ILE B 21 10.00 -2.96 -21.94
CA ILE B 21 10.66 -3.50 -23.12
C ILE B 21 10.14 -2.84 -24.41
N VAL B 22 8.82 -2.66 -24.51
CA VAL B 22 8.20 -2.05 -25.69
C VAL B 22 8.61 -0.59 -25.86
N LYS B 23 8.67 0.11 -24.73
CA LYS B 23 9.05 1.51 -24.68
C LYS B 23 10.51 1.75 -25.11
N GLU B 24 11.44 0.91 -24.66
CA GLU B 24 12.86 1.07 -25.04
C GLU B 24 13.03 0.83 -26.52
N LEU B 25 12.49 -0.30 -26.99
CA LEU B 25 12.60 -0.66 -28.39
C LEU B 25 12.13 0.51 -29.24
N HIS B 26 11.05 1.15 -28.79
CA HIS B 26 10.49 2.29 -29.50
C HIS B 26 11.44 3.48 -29.43
N ARG B 27 12.02 3.70 -28.26
CA ARG B 27 12.96 4.80 -28.04
C ARG B 27 14.22 4.60 -28.88
N MET B 28 14.54 3.34 -29.17
CA MET B 28 15.71 3.04 -29.97
C MET B 28 15.30 3.03 -31.44
N GLY B 29 14.07 3.48 -31.68
CA GLY B 29 13.56 3.55 -33.03
C GLY B 29 13.37 2.25 -33.77
N HIS B 30 12.83 1.24 -33.08
CA HIS B 30 12.59 -0.06 -33.69
C HIS B 30 11.07 -0.26 -33.79
N GLU B 31 10.65 -1.21 -34.60
CA GLU B 31 9.22 -1.47 -34.72
C GLU B 31 8.80 -2.58 -33.75
N VAL B 32 7.74 -2.32 -33.00
CA VAL B 32 7.25 -3.30 -32.04
C VAL B 32 5.75 -3.54 -32.13
N LEU B 33 5.37 -4.79 -31.92
CA LEU B 33 3.99 -5.23 -31.93
C LEU B 33 3.73 -5.52 -30.45
N ALA B 34 2.93 -4.66 -29.82
CA ALA B 34 2.59 -4.83 -28.41
C ALA B 34 1.21 -5.46 -28.28
N VAL B 35 1.11 -6.62 -27.64
CA VAL B 35 -0.20 -7.25 -27.48
C VAL B 35 -0.58 -7.44 -26.00
N ASP B 36 -1.86 -7.35 -25.71
CA ASP B 36 -2.35 -7.53 -24.34
C ASP B 36 -3.88 -7.72 -24.36
N ILE B 37 -4.39 -8.55 -23.44
CA ILE B 37 -5.81 -8.83 -23.38
C ILE B 37 -6.70 -7.65 -23.04
N ASN B 38 -6.54 -7.04 -21.86
CA ASN B 38 -7.39 -5.91 -21.53
C ASN B 38 -6.93 -4.69 -22.32
N GLU B 39 -7.87 -4.05 -23.03
CA GLU B 39 -7.57 -2.89 -23.86
C GLU B 39 -7.05 -1.67 -23.11
N GLU B 40 -7.11 -1.70 -21.78
CA GLU B 40 -6.60 -0.58 -20.99
C GLU B 40 -5.17 -0.39 -21.48
N LYS B 41 -4.34 -1.39 -21.16
CA LYS B 41 -2.93 -1.42 -21.53
C LYS B 41 -2.71 -1.21 -23.03
N VAL B 42 -3.40 -1.98 -23.85
CA VAL B 42 -3.20 -1.87 -25.28
C VAL B 42 -3.29 -0.45 -25.79
N ASN B 43 -4.06 0.39 -25.10
CA ASN B 43 -4.20 1.78 -25.51
C ASN B 43 -3.16 2.66 -24.84
N ALA B 44 -2.74 2.26 -23.65
CA ALA B 44 -1.73 3.00 -22.91
C ALA B 44 -0.36 2.91 -23.57
N TYR B 45 -0.19 1.93 -24.45
CA TYR B 45 1.08 1.75 -25.15
C TYR B 45 0.94 1.97 -26.64
N ALA B 46 -0.25 2.40 -27.05
CA ALA B 46 -0.50 2.65 -28.46
C ALA B 46 0.53 3.60 -29.04
N SER B 47 0.78 4.69 -28.32
CA SER B 47 1.74 5.68 -28.77
C SER B 47 3.18 5.20 -28.72
N TYR B 48 3.52 4.40 -27.70
CA TYR B 48 4.88 3.90 -27.55
C TYR B 48 5.19 2.66 -28.37
N ALA B 49 4.26 2.25 -29.22
CA ALA B 49 4.45 1.07 -30.03
C ALA B 49 4.14 1.33 -31.49
N THR B 50 4.58 0.43 -32.36
CA THR B 50 4.34 0.56 -33.78
C THR B 50 3.01 -0.07 -34.16
N HIS B 51 2.46 -0.90 -33.28
CA HIS B 51 1.19 -1.57 -33.57
C HIS B 51 0.65 -2.25 -32.32
N ALA B 52 -0.21 -1.55 -31.58
CA ALA B 52 -0.78 -2.10 -30.36
C ALA B 52 -2.05 -2.91 -30.67
N VAL B 53 -2.16 -4.09 -30.09
CA VAL B 53 -3.31 -4.95 -30.36
C VAL B 53 -3.92 -5.62 -29.14
N ILE B 54 -5.24 -5.60 -29.07
CA ILE B 54 -5.95 -6.23 -27.97
C ILE B 54 -6.14 -7.68 -28.42
N ALA B 55 -5.68 -8.63 -27.62
CA ALA B 55 -5.80 -10.03 -27.98
C ALA B 55 -5.44 -10.95 -26.82
N ASN B 56 -5.71 -12.24 -27.00
CA ASN B 56 -5.43 -13.23 -25.98
C ASN B 56 -4.40 -14.23 -26.51
N ALA B 57 -3.16 -14.12 -26.03
CA ALA B 57 -2.09 -14.99 -26.48
C ALA B 57 -2.38 -16.48 -26.34
N THR B 58 -3.34 -16.86 -25.49
CA THR B 58 -3.66 -18.27 -25.28
C THR B 58 -4.60 -18.86 -26.34
N GLU B 59 -4.93 -18.08 -27.35
CA GLU B 59 -5.82 -18.52 -28.42
C GLU B 59 -5.10 -18.51 -29.78
N GLU B 60 -4.82 -19.70 -30.31
CA GLU B 60 -4.12 -19.81 -31.59
C GLU B 60 -4.67 -18.90 -32.68
N ASN B 61 -5.99 -18.83 -32.81
CA ASN B 61 -6.61 -18.00 -33.84
C ASN B 61 -6.28 -16.51 -33.70
N GLU B 62 -6.42 -15.97 -32.49
CA GLU B 62 -6.10 -14.55 -32.28
C GLU B 62 -4.62 -14.34 -32.58
N LEU B 63 -3.85 -15.42 -32.40
CA LEU B 63 -2.41 -15.38 -32.63
C LEU B 63 -2.08 -15.33 -34.12
N LEU B 64 -2.68 -16.21 -34.91
CA LEU B 64 -2.42 -16.21 -36.34
C LEU B 64 -2.99 -14.96 -36.98
N SER B 65 -4.17 -14.54 -36.52
CA SER B 65 -4.81 -13.34 -37.05
C SER B 65 -3.95 -12.14 -36.69
N LEU B 66 -3.08 -12.34 -35.71
CA LEU B 66 -2.17 -11.30 -35.24
C LEU B 66 -0.95 -11.26 -36.17
N GLY B 67 -0.78 -12.32 -36.96
CA GLY B 67 0.35 -12.39 -37.87
C GLY B 67 1.64 -12.56 -37.11
N ILE B 68 1.60 -13.34 -36.04
CA ILE B 68 2.76 -13.54 -35.20
C ILE B 68 3.91 -14.36 -35.78
N ARG B 69 3.63 -15.22 -36.74
CA ARG B 69 4.68 -16.02 -37.34
C ARG B 69 5.54 -15.17 -38.27
N ASN B 70 5.29 -13.85 -38.26
CA ASN B 70 6.06 -12.95 -39.09
C ASN B 70 7.11 -12.21 -38.27
N PHE B 71 7.34 -12.69 -37.05
CA PHE B 71 8.32 -12.07 -36.18
C PHE B 71 9.44 -13.04 -35.85
N GLU B 72 10.65 -12.50 -35.68
CA GLU B 72 11.82 -13.31 -35.37
C GLU B 72 12.03 -13.39 -33.85
N TYR B 73 11.53 -12.39 -33.13
CA TYR B 73 11.66 -12.34 -31.68
C TYR B 73 10.31 -12.02 -31.01
N VAL B 74 9.81 -12.96 -30.21
CA VAL B 74 8.55 -12.73 -29.48
C VAL B 74 8.79 -12.89 -27.98
N ILE B 75 8.61 -11.81 -27.24
CA ILE B 75 8.79 -11.83 -25.81
C ILE B 75 7.46 -12.02 -25.10
N VAL B 76 7.33 -13.11 -24.36
CA VAL B 76 6.13 -13.38 -23.59
C VAL B 76 6.40 -12.79 -22.20
N ALA B 77 5.73 -11.68 -21.90
CA ALA B 77 5.90 -10.99 -20.63
C ALA B 77 4.70 -11.11 -19.70
N ILE B 78 3.92 -12.17 -19.88
CA ILE B 78 2.77 -12.40 -19.02
C ILE B 78 3.38 -12.87 -17.70
N GLY B 79 2.94 -12.30 -16.59
CA GLY B 79 3.52 -12.68 -15.31
C GLY B 79 2.73 -13.56 -14.37
N ALA B 80 1.85 -12.95 -13.59
CA ALA B 80 1.03 -13.66 -12.63
C ALA B 80 0.51 -15.00 -13.12
N ASN B 81 -0.17 -15.00 -14.26
CA ASN B 81 -0.74 -16.22 -14.81
C ASN B 81 0.28 -17.17 -15.46
N ILE B 82 0.84 -18.06 -14.65
CA ILE B 82 1.82 -19.02 -15.14
C ILE B 82 1.28 -19.92 -16.26
N GLN B 83 0.02 -20.33 -16.13
CA GLN B 83 -0.60 -21.19 -17.13
C GLN B 83 -0.68 -20.48 -18.48
N ALA B 84 -1.20 -19.25 -18.48
CA ALA B 84 -1.32 -18.48 -19.72
C ALA B 84 0.09 -18.31 -20.31
N SER B 85 1.04 -17.96 -19.45
CA SER B 85 2.42 -17.78 -19.87
C SER B 85 2.92 -19.03 -20.56
N THR B 86 2.76 -20.17 -19.88
CA THR B 86 3.20 -21.46 -20.38
C THR B 86 2.49 -21.85 -21.66
N LEU B 87 1.16 -21.75 -21.66
CA LEU B 87 0.37 -22.10 -22.83
C LEU B 87 0.77 -21.24 -24.01
N THR B 88 0.95 -19.95 -23.77
CA THR B 88 1.35 -19.04 -24.83
C THR B 88 2.67 -19.43 -25.49
N THR B 89 3.73 -19.64 -24.69
CA THR B 89 5.01 -19.99 -25.30
C THR B 89 4.91 -21.34 -26.01
N LEU B 90 4.02 -22.20 -25.53
CA LEU B 90 3.82 -23.49 -26.16
C LEU B 90 3.22 -23.30 -27.56
N LEU B 91 2.18 -22.48 -27.67
CA LEU B 91 1.56 -22.23 -28.97
C LEU B 91 2.61 -21.61 -29.91
N LEU B 92 3.31 -20.58 -29.43
CA LEU B 92 4.34 -19.91 -30.22
C LEU B 92 5.35 -20.91 -30.77
N LYS B 93 5.76 -21.87 -29.93
CA LYS B 93 6.73 -22.88 -30.35
C LYS B 93 6.18 -23.67 -31.53
N GLU B 94 4.86 -23.90 -31.53
CA GLU B 94 4.22 -24.62 -32.61
C GLU B 94 4.17 -23.74 -33.86
N LEU B 95 3.80 -22.48 -33.68
CA LEU B 95 3.75 -21.56 -34.82
C LEU B 95 5.17 -21.45 -35.38
N ASP B 96 6.12 -22.05 -34.67
CA ASP B 96 7.52 -22.07 -35.07
C ASP B 96 8.27 -20.74 -35.07
N ILE B 97 8.11 -19.95 -34.01
CA ILE B 97 8.80 -18.67 -33.89
C ILE B 97 10.27 -18.97 -33.59
N PRO B 98 11.19 -18.35 -34.36
CA PRO B 98 12.64 -18.53 -34.22
C PRO B 98 13.21 -18.21 -32.82
N ASN B 99 12.79 -17.11 -32.23
CA ASN B 99 13.28 -16.74 -30.90
C ASN B 99 12.15 -16.31 -30.00
N ILE B 100 11.89 -17.12 -28.98
CA ILE B 100 10.85 -16.77 -28.03
C ILE B 100 11.48 -16.65 -26.66
N TRP B 101 11.40 -15.45 -26.09
CA TRP B 101 11.98 -15.19 -24.76
C TRP B 101 10.81 -15.06 -23.79
N VAL B 102 10.90 -15.76 -22.67
CA VAL B 102 9.79 -15.74 -21.72
C VAL B 102 10.15 -15.34 -20.31
N LYS B 103 9.27 -14.57 -19.67
CA LYS B 103 9.50 -14.18 -18.30
C LYS B 103 9.03 -15.34 -17.42
N ALA B 104 9.90 -15.83 -16.53
CA ALA B 104 9.55 -16.93 -15.64
C ALA B 104 9.26 -16.42 -14.24
N GLN B 105 8.31 -17.06 -13.57
CA GLN B 105 7.92 -16.65 -12.23
C GLN B 105 8.70 -17.36 -11.12
N ASN B 106 9.24 -18.54 -11.41
CA ASN B 106 9.97 -19.29 -10.40
C ASN B 106 10.72 -20.45 -11.03
N TYR B 107 11.44 -21.21 -10.21
CA TYR B 107 12.22 -22.32 -10.71
C TYR B 107 11.42 -23.35 -11.53
N TYR B 108 10.26 -23.77 -11.05
CA TYR B 108 9.49 -24.76 -11.78
C TYR B 108 8.88 -24.21 -13.06
N HIS B 109 8.40 -22.98 -13.01
CA HIS B 109 7.84 -22.35 -14.22
C HIS B 109 8.97 -22.37 -15.23
N HIS B 110 10.16 -22.07 -14.74
CA HIS B 110 11.36 -22.04 -15.56
C HIS B 110 11.65 -23.43 -16.13
N LYS B 111 11.51 -24.46 -15.30
CA LYS B 111 11.79 -25.81 -15.76
C LYS B 111 10.95 -26.22 -16.98
N VAL B 112 9.62 -26.10 -16.87
CA VAL B 112 8.74 -26.46 -17.97
C VAL B 112 8.96 -25.59 -19.21
N LEU B 113 9.28 -24.31 -19.02
CA LEU B 113 9.53 -23.41 -20.15
C LEU B 113 10.69 -23.94 -20.98
N GLU B 114 11.68 -24.51 -20.32
CA GLU B 114 12.85 -25.08 -20.96
C GLU B 114 12.35 -26.24 -21.82
N LYS B 115 11.65 -27.18 -21.17
CA LYS B 115 11.10 -28.36 -21.83
C LYS B 115 10.20 -28.00 -23.01
N ILE B 116 9.34 -27.00 -22.82
CA ILE B 116 8.45 -26.58 -23.91
C ILE B 116 9.27 -26.05 -25.09
N GLY B 117 10.49 -25.59 -24.82
CA GLY B 117 11.32 -25.10 -25.91
C GLY B 117 11.65 -23.62 -25.96
N ALA B 118 11.48 -22.90 -24.84
CA ALA B 118 11.78 -21.47 -24.78
C ALA B 118 13.26 -21.25 -25.08
N ASP B 119 13.57 -20.16 -25.78
CA ASP B 119 14.95 -19.84 -26.16
C ASP B 119 15.74 -19.05 -25.13
N ARG B 120 15.04 -18.29 -24.31
CA ARG B 120 15.68 -17.50 -23.28
C ARG B 120 14.62 -17.28 -22.21
N ILE B 121 14.95 -17.65 -20.98
CA ILE B 121 14.05 -17.52 -19.87
C ILE B 121 14.56 -16.42 -18.97
N ILE B 122 13.73 -15.42 -18.71
CA ILE B 122 14.14 -14.29 -17.91
C ILE B 122 13.48 -14.17 -16.54
N HIS B 123 14.32 -13.97 -15.52
CA HIS B 123 13.85 -13.79 -14.13
C HIS B 123 14.29 -12.36 -13.82
N PRO B 124 13.44 -11.38 -14.19
CA PRO B 124 13.68 -9.94 -14.00
C PRO B 124 14.30 -9.50 -12.68
N GLU B 125 13.65 -9.85 -11.58
CA GLU B 125 14.13 -9.40 -10.29
C GLU B 125 15.44 -10.07 -9.86
N LYS B 126 15.60 -11.35 -10.17
CA LYS B 126 16.83 -12.04 -9.81
C LYS B 126 17.97 -11.52 -10.67
N ASP B 127 17.76 -11.45 -11.98
CA ASP B 127 18.80 -10.99 -12.88
C ASP B 127 19.26 -9.58 -12.52
N MET B 128 18.32 -8.70 -12.22
CA MET B 128 18.65 -7.33 -11.84
C MET B 128 19.48 -7.34 -10.57
N GLY B 129 19.15 -8.26 -9.67
CA GLY B 129 19.89 -8.37 -8.43
C GLY B 129 21.38 -8.67 -8.66
N VAL B 130 21.68 -9.59 -9.58
CA VAL B 130 23.07 -9.93 -9.85
C VAL B 130 23.74 -8.78 -10.60
N LYS B 131 22.95 -8.06 -11.39
CA LYS B 131 23.48 -6.92 -12.12
C LYS B 131 23.73 -5.79 -11.12
N ILE B 132 22.84 -5.63 -10.14
CA ILE B 132 23.05 -4.59 -9.14
C ILE B 132 24.26 -4.90 -8.26
N ALA B 133 24.44 -6.16 -7.89
CA ALA B 133 25.60 -6.53 -7.07
C ALA B 133 26.89 -6.23 -7.82
N GLN B 134 26.87 -6.43 -9.14
CA GLN B 134 28.06 -6.17 -9.94
C GLN B 134 28.35 -4.67 -9.94
N SER B 135 27.30 -3.89 -10.05
CA SER B 135 27.40 -2.44 -10.05
C SER B 135 28.00 -2.00 -8.73
N LEU B 136 27.69 -2.71 -7.66
CA LEU B 136 28.21 -2.38 -6.33
C LEU B 136 29.70 -2.62 -6.22
N SER B 137 30.21 -3.68 -6.86
CA SER B 137 31.64 -3.94 -6.80
C SER B 137 32.33 -2.82 -7.56
N ASP B 138 31.82 -2.57 -8.77
CA ASP B 138 32.37 -1.56 -9.66
C ASP B 138 32.44 -0.14 -9.08
N GLU B 139 32.13 0.01 -7.80
CA GLU B 139 32.18 1.32 -7.15
C GLU B 139 32.81 1.20 -5.77
N ASN B 140 34.06 0.75 -5.73
CA ASN B 140 34.78 0.58 -4.47
C ASN B 140 34.08 -0.46 -3.58
N LYS C 7 -5.59 30.45 11.35
CA LYS C 7 -6.46 31.45 10.68
C LYS C 7 -7.11 30.89 9.41
N GLN C 8 -6.30 30.68 8.37
CA GLN C 8 -6.80 30.12 7.11
C GLN C 8 -6.63 28.61 7.08
N PHE C 9 -7.62 27.91 6.54
CA PHE C 9 -7.57 26.45 6.50
C PHE C 9 -7.70 25.82 5.12
N ALA C 10 -6.83 24.86 4.83
CA ALA C 10 -6.85 24.13 3.57
C ALA C 10 -6.97 22.62 3.86
N VAL C 11 -7.94 21.97 3.23
CA VAL C 11 -8.11 20.54 3.42
C VAL C 11 -7.91 19.84 2.06
N ILE C 12 -6.97 18.90 1.99
CA ILE C 12 -6.70 18.15 0.76
C ILE C 12 -7.22 16.73 0.93
N GLY C 13 -8.17 16.34 0.08
CA GLY C 13 -8.73 15.00 0.16
C GLY C 13 -10.11 15.09 0.78
N LEU C 14 -11.12 15.29 -0.07
CA LEU C 14 -12.50 15.45 0.38
C LEU C 14 -13.35 14.19 0.57
N GLY C 15 -12.82 13.21 1.29
CA GLY C 15 -13.60 12.00 1.54
C GLY C 15 -14.40 12.16 2.83
N ARG C 16 -14.78 11.06 3.46
CA ARG C 16 -15.54 11.12 4.69
C ARG C 16 -14.88 12.03 5.75
N PHE C 17 -13.61 11.79 6.01
CA PHE C 17 -12.87 12.56 7.00
C PHE C 17 -12.69 14.01 6.53
N GLY C 18 -11.94 14.22 5.45
CA GLY C 18 -11.69 15.55 4.94
C GLY C 18 -12.93 16.39 4.67
N GLY C 19 -13.88 15.83 3.94
CA GLY C 19 -15.10 16.56 3.64
C GLY C 19 -15.84 16.94 4.91
N SER C 20 -15.79 16.05 5.89
CA SER C 20 -16.46 16.29 7.15
C SER C 20 -15.80 17.43 7.92
N ILE C 21 -14.50 17.64 7.74
CA ILE C 21 -13.88 18.74 8.45
C ILE C 21 -14.14 20.04 7.69
N VAL C 22 -14.25 19.95 6.37
CA VAL C 22 -14.53 21.12 5.55
C VAL C 22 -15.93 21.62 5.88
N LYS C 23 -16.87 20.68 6.00
CA LYS C 23 -18.24 21.03 6.33
C LYS C 23 -18.38 21.74 7.68
N GLU C 24 -17.64 21.27 8.70
CA GLU C 24 -17.73 21.87 10.03
C GLU C 24 -17.08 23.25 10.11
N LEU C 25 -15.94 23.42 9.46
CA LEU C 25 -15.27 24.71 9.48
C LEU C 25 -16.20 25.73 8.82
N HIS C 26 -16.84 25.30 7.74
CA HIS C 26 -17.77 26.16 7.03
C HIS C 26 -18.87 26.58 8.01
N ARG C 27 -19.54 25.59 8.59
CA ARG C 27 -20.62 25.82 9.54
C ARG C 27 -20.27 26.77 10.68
N MET C 28 -18.99 26.91 11.00
CA MET C 28 -18.58 27.80 12.07
C MET C 28 -18.04 29.09 11.46
N GLY C 29 -18.32 29.29 10.18
CA GLY C 29 -17.90 30.50 9.50
C GLY C 29 -16.44 30.75 9.24
N HIS C 30 -15.63 29.69 9.16
CA HIS C 30 -14.20 29.83 8.88
C HIS C 30 -13.95 29.69 7.38
N GLU C 31 -12.87 30.29 6.91
CA GLU C 31 -12.51 30.20 5.49
C GLU C 31 -11.86 28.84 5.30
N VAL C 32 -12.21 28.17 4.20
CA VAL C 32 -11.67 26.86 3.93
C VAL C 32 -11.42 26.63 2.44
N LEU C 33 -10.23 26.11 2.12
CA LEU C 33 -9.87 25.78 0.76
C LEU C 33 -9.96 24.26 0.64
N ALA C 34 -11.00 23.77 -0.02
CA ALA C 34 -11.16 22.34 -0.21
C ALA C 34 -10.49 21.97 -1.54
N VAL C 35 -9.84 20.81 -1.58
CA VAL C 35 -9.14 20.37 -2.79
C VAL C 35 -9.22 18.85 -2.95
N ASP C 36 -9.40 18.40 -4.20
CA ASP C 36 -9.48 16.97 -4.49
C ASP C 36 -9.18 16.69 -5.98
N ILE C 37 -8.87 15.45 -6.33
CA ILE C 37 -8.56 15.10 -7.71
C ILE C 37 -9.74 15.02 -8.65
N ASN C 38 -10.87 14.50 -8.21
CA ASN C 38 -12.02 14.42 -9.12
C ASN C 38 -13.03 15.52 -8.88
N GLU C 39 -13.53 16.12 -9.97
CA GLU C 39 -14.49 17.20 -9.85
C GLU C 39 -15.79 16.87 -9.13
N GLU C 40 -16.26 15.64 -9.23
CA GLU C 40 -17.49 15.28 -8.53
C GLU C 40 -17.35 15.65 -7.07
N LYS C 41 -16.22 15.31 -6.47
CA LYS C 41 -15.96 15.63 -5.08
C LYS C 41 -15.86 17.14 -4.92
N VAL C 42 -14.98 17.76 -5.70
CA VAL C 42 -14.78 19.20 -5.64
C VAL C 42 -16.07 19.98 -5.75
N ASN C 43 -16.93 19.61 -6.70
CA ASN C 43 -18.19 20.31 -6.89
C ASN C 43 -19.12 20.16 -5.69
N ALA C 44 -19.26 18.93 -5.20
CA ALA C 44 -20.12 18.63 -4.06
C ALA C 44 -19.72 19.33 -2.76
N TYR C 45 -18.61 20.05 -2.78
CA TYR C 45 -18.15 20.77 -1.61
C TYR C 45 -17.98 22.25 -1.90
N ALA C 46 -18.31 22.65 -3.13
CA ALA C 46 -18.20 24.03 -3.55
C ALA C 46 -18.98 24.94 -2.63
N SER C 47 -20.21 24.51 -2.29
CA SER C 47 -21.08 25.27 -1.42
C SER C 47 -20.70 25.24 0.05
N TYR C 48 -19.75 24.38 0.45
CA TYR C 48 -19.33 24.34 1.85
C TYR C 48 -17.93 24.88 2.05
N ALA C 49 -17.38 25.57 1.06
CA ALA C 49 -16.03 26.11 1.21
C ALA C 49 -15.87 27.42 0.48
N THR C 50 -14.96 28.27 0.95
CA THR C 50 -14.77 29.53 0.26
C THR C 50 -14.24 29.24 -1.15
N HIS C 51 -13.58 28.09 -1.30
CA HIS C 51 -13.04 27.67 -2.59
C HIS C 51 -12.80 26.17 -2.68
N ALA C 52 -13.25 25.58 -3.78
CA ALA C 52 -13.08 24.14 -4.01
C ALA C 52 -12.32 23.95 -5.32
N VAL C 53 -11.06 23.55 -5.22
CA VAL C 53 -10.23 23.35 -6.40
C VAL C 53 -9.93 21.90 -6.73
N ILE C 54 -9.84 21.61 -8.02
CA ILE C 54 -9.51 20.27 -8.49
C ILE C 54 -8.00 20.20 -8.61
N ALA C 55 -7.38 19.23 -7.94
CA ALA C 55 -5.94 19.12 -8.01
C ALA C 55 -5.39 17.81 -7.52
N ASN C 56 -4.18 17.51 -7.97
CA ASN C 56 -3.47 16.31 -7.58
C ASN C 56 -2.37 16.87 -6.69
N ALA C 57 -2.55 16.72 -5.37
CA ALA C 57 -1.63 17.24 -4.37
C ALA C 57 -0.20 16.70 -4.49
N THR C 58 -0.01 15.61 -5.23
CA THR C 58 1.32 15.03 -5.41
C THR C 58 2.14 15.87 -6.39
N GLU C 59 1.45 16.66 -7.20
CA GLU C 59 2.09 17.54 -8.18
C GLU C 59 2.53 18.85 -7.52
N GLU C 60 3.83 19.06 -7.35
CA GLU C 60 4.34 20.28 -6.71
C GLU C 60 3.97 21.56 -7.46
N ASN C 61 3.76 21.47 -8.76
CA ASN C 61 3.40 22.65 -9.53
C ASN C 61 1.93 22.99 -9.25
N GLU C 62 1.09 21.97 -9.21
CA GLU C 62 -0.34 22.18 -8.93
C GLU C 62 -0.51 22.76 -7.54
N LEU C 63 0.37 22.37 -6.63
CA LEU C 63 0.34 22.83 -5.26
C LEU C 63 0.65 24.32 -5.19
N LEU C 64 1.57 24.77 -6.04
CA LEU C 64 1.96 26.18 -6.07
C LEU C 64 0.86 27.02 -6.71
N SER C 65 0.16 26.46 -7.69
CA SER C 65 -0.94 27.15 -8.36
C SER C 65 -2.00 27.57 -7.35
N LEU C 66 -2.24 26.69 -6.38
CA LEU C 66 -3.22 26.93 -5.33
C LEU C 66 -2.70 27.94 -4.33
N GLY C 67 -1.44 28.33 -4.47
CA GLY C 67 -0.87 29.27 -3.52
C GLY C 67 -1.05 28.68 -2.14
N ILE C 68 -0.88 27.37 -2.04
CA ILE C 68 -1.04 26.63 -0.80
C ILE C 68 -0.12 27.14 0.32
N ARG C 69 0.96 27.81 -0.05
CA ARG C 69 1.92 28.32 0.92
C ARG C 69 1.35 29.45 1.77
N ASN C 70 0.20 29.98 1.36
CA ASN C 70 -0.45 31.07 2.10
C ASN C 70 -1.33 30.55 3.22
N PHE C 71 -1.27 29.24 3.47
CA PHE C 71 -2.08 28.66 4.53
C PHE C 71 -1.25 28.25 5.73
N GLU C 72 -1.79 28.46 6.92
CA GLU C 72 -1.09 28.11 8.14
C GLU C 72 -1.36 26.67 8.50
N TYR C 73 -2.57 26.21 8.17
CA TYR C 73 -2.96 24.84 8.47
C TYR C 73 -3.43 24.05 7.24
N VAL C 74 -2.70 22.99 6.93
CA VAL C 74 -3.08 22.13 5.80
C VAL C 74 -3.32 20.72 6.32
N ILE C 75 -4.49 20.18 6.02
CA ILE C 75 -4.81 18.84 6.46
C ILE C 75 -4.77 17.89 5.28
N VAL C 76 -3.91 16.87 5.37
CA VAL C 76 -3.80 15.88 4.32
C VAL C 76 -4.75 14.75 4.71
N ALA C 77 -5.81 14.58 3.93
CA ALA C 77 -6.81 13.56 4.20
C ALA C 77 -6.99 12.65 3.02
N ILE C 78 -5.90 12.37 2.30
CA ILE C 78 -5.95 11.47 1.16
C ILE C 78 -6.33 10.10 1.75
N GLY C 79 -6.93 9.23 0.94
CA GLY C 79 -7.33 7.94 1.48
C GLY C 79 -6.42 6.76 1.25
N ALA C 80 -7.00 5.71 0.66
CA ALA C 80 -6.31 4.46 0.38
C ALA C 80 -4.86 4.61 -0.04
N ASN C 81 -4.59 5.45 -1.03
CA ASN C 81 -3.23 5.62 -1.51
C ASN C 81 -2.29 6.21 -0.47
N ILE C 82 -1.69 5.34 0.33
CA ILE C 82 -0.78 5.77 1.38
C ILE C 82 0.40 6.61 0.89
N GLN C 83 1.02 6.22 -0.23
CA GLN C 83 2.16 6.99 -0.76
C GLN C 83 1.72 8.39 -1.17
N ALA C 84 0.53 8.48 -1.74
CA ALA C 84 -0.02 9.75 -2.16
C ALA C 84 -0.02 10.68 -0.95
N SER C 85 -0.42 10.14 0.19
CA SER C 85 -0.47 10.90 1.43
C SER C 85 0.89 11.39 1.89
N THR C 86 1.85 10.46 2.05
CA THR C 86 3.18 10.85 2.51
C THR C 86 3.91 11.72 1.48
N LEU C 87 3.65 11.46 0.19
CA LEU C 87 4.28 12.26 -0.85
C LEU C 87 3.75 13.69 -0.71
N THR C 88 2.43 13.85 -0.58
CA THR C 88 1.84 15.18 -0.43
C THR C 88 2.43 15.88 0.80
N THR C 89 2.47 15.15 1.91
CA THR C 89 3.00 15.68 3.17
C THR C 89 4.44 16.19 3.00
N LEU C 90 5.24 15.41 2.27
CA LEU C 90 6.64 15.75 2.02
C LEU C 90 6.71 17.05 1.25
N LEU C 91 5.90 17.12 0.19
CA LEU C 91 5.85 18.29 -0.67
C LEU C 91 5.55 19.58 0.08
N LEU C 92 4.43 19.62 0.78
CA LEU C 92 4.07 20.84 1.50
C LEU C 92 4.90 21.09 2.73
N LYS C 93 5.86 20.22 3.01
CA LYS C 93 6.74 20.44 4.15
C LYS C 93 7.96 21.18 3.61
N GLU C 94 8.12 21.14 2.29
CA GLU C 94 9.20 21.82 1.59
C GLU C 94 8.77 23.26 1.31
N LEU C 95 7.48 23.52 1.53
CA LEU C 95 6.92 24.85 1.31
C LEU C 95 6.85 25.58 2.64
N ASP C 96 7.42 24.95 3.66
CA ASP C 96 7.48 25.52 5.01
C ASP C 96 6.13 25.75 5.68
N ILE C 97 5.11 24.99 5.29
CA ILE C 97 3.80 25.14 5.88
C ILE C 97 3.90 24.88 7.39
N PRO C 98 3.53 25.89 8.20
CA PRO C 98 3.54 25.88 9.67
C PRO C 98 2.90 24.67 10.34
N ASN C 99 1.70 24.30 9.92
CA ASN C 99 1.03 23.15 10.51
C ASN C 99 0.46 22.23 9.45
N ILE C 100 0.87 20.97 9.52
CA ILE C 100 0.37 19.98 8.59
C ILE C 100 -0.20 18.82 9.41
N TRP C 101 -1.50 18.61 9.29
CA TRP C 101 -2.15 17.53 10.02
C TRP C 101 -2.48 16.49 8.97
N VAL C 102 -2.20 15.23 9.30
CA VAL C 102 -2.41 14.14 8.35
C VAL C 102 -3.16 12.95 8.91
N LYS C 103 -3.97 12.34 8.06
CA LYS C 103 -4.69 11.13 8.46
C LYS C 103 -3.70 10.00 8.23
N ALA C 104 -3.55 9.12 9.21
CA ALA C 104 -2.62 8.00 9.11
C ALA C 104 -3.39 6.70 8.85
N GLN C 105 -3.01 5.98 7.80
CA GLN C 105 -3.69 4.72 7.49
C GLN C 105 -3.43 3.63 8.50
N ASN C 106 -2.17 3.48 8.90
CA ASN C 106 -1.80 2.43 9.85
C ASN C 106 -0.55 2.80 10.63
N TYR C 107 -0.01 1.81 11.33
CA TYR C 107 1.18 1.99 12.17
C TYR C 107 2.47 2.45 11.49
N TYR C 108 2.86 1.82 10.38
CA TYR C 108 4.09 2.24 9.69
C TYR C 108 3.92 3.61 9.06
N HIS C 109 2.68 3.93 8.69
CA HIS C 109 2.39 5.22 8.08
C HIS C 109 2.54 6.30 9.14
N HIS C 110 2.10 5.99 10.35
CA HIS C 110 2.20 6.95 11.43
C HIS C 110 3.65 7.30 11.71
N LYS C 111 4.50 6.28 11.84
CA LYS C 111 5.91 6.51 12.13
C LYS C 111 6.61 7.26 11.01
N VAL C 112 6.29 6.94 9.76
CA VAL C 112 6.88 7.65 8.65
C VAL C 112 6.49 9.11 8.75
N LEU C 113 5.18 9.38 8.80
CA LEU C 113 4.63 10.74 8.89
C LEU C 113 5.28 11.53 10.01
N GLU C 114 5.50 10.86 11.11
CA GLU C 114 6.14 11.40 12.29
C GLU C 114 7.53 11.92 11.93
N LYS C 115 8.30 11.10 11.21
CA LYS C 115 9.65 11.48 10.79
C LYS C 115 9.66 12.46 9.62
N ILE C 116 8.63 12.42 8.79
CA ILE C 116 8.51 13.33 7.65
C ILE C 116 8.38 14.76 8.17
N GLY C 117 7.88 14.90 9.38
CA GLY C 117 7.71 16.23 9.97
C GLY C 117 6.28 16.69 10.15
N ALA C 118 5.34 15.74 10.12
CA ALA C 118 3.93 16.07 10.30
C ALA C 118 3.74 16.64 11.69
N ASP C 119 2.94 17.69 11.79
CA ASP C 119 2.71 18.36 13.07
C ASP C 119 1.66 17.66 13.91
N ARG C 120 0.74 16.95 13.26
CA ARG C 120 -0.29 16.22 13.99
C ARG C 120 -0.80 15.07 13.14
N ILE C 121 -0.91 13.90 13.77
CA ILE C 121 -1.34 12.70 13.08
C ILE C 121 -2.66 12.20 13.60
N ILE C 122 -3.63 12.02 12.72
CA ILE C 122 -4.93 11.53 13.14
C ILE C 122 -5.23 10.11 12.64
N HIS C 123 -5.80 9.31 13.54
CA HIS C 123 -6.21 7.93 13.27
C HIS C 123 -7.72 7.94 13.53
N PRO C 124 -8.51 8.42 12.55
CA PRO C 124 -9.97 8.50 12.65
C PRO C 124 -10.67 7.38 13.42
N GLU C 125 -10.55 6.15 12.94
CA GLU C 125 -11.19 5.01 13.61
C GLU C 125 -10.76 4.83 15.07
N LYS C 126 -9.46 4.75 15.32
CA LYS C 126 -8.95 4.54 16.68
C LYS C 126 -9.29 5.71 17.57
N ASP C 127 -9.07 6.92 17.07
CA ASP C 127 -9.33 8.10 17.86
C ASP C 127 -10.80 8.25 18.24
N MET C 128 -11.70 8.06 17.28
CA MET C 128 -13.13 8.15 17.59
C MET C 128 -13.41 7.00 18.55
N GLY C 129 -12.65 5.92 18.37
CA GLY C 129 -12.80 4.76 19.22
C GLY C 129 -12.63 5.03 20.70
N VAL C 130 -11.68 5.87 21.09
CA VAL C 130 -11.49 6.14 22.51
C VAL C 130 -12.48 7.16 23.03
N LYS C 131 -12.96 8.04 22.15
CA LYS C 131 -13.93 9.02 22.56
C LYS C 131 -15.23 8.27 22.88
N ILE C 132 -15.57 7.29 22.05
CA ILE C 132 -16.78 6.49 22.29
C ILE C 132 -16.63 5.75 23.60
N ALA C 133 -15.46 5.13 23.80
CA ALA C 133 -15.19 4.39 25.02
C ALA C 133 -15.26 5.32 26.22
N GLN C 134 -14.93 6.58 26.00
CA GLN C 134 -14.98 7.56 27.07
C GLN C 134 -16.44 7.90 27.38
N SER C 135 -17.28 7.98 26.36
CA SER C 135 -18.70 8.27 26.57
C SER C 135 -19.29 7.14 27.40
N LEU C 136 -18.93 5.92 27.04
CA LEU C 136 -19.43 4.75 27.75
C LEU C 136 -18.94 4.75 29.18
N SER C 137 -17.63 4.97 29.36
CA SER C 137 -17.05 5.00 30.69
C SER C 137 -17.77 6.03 31.55
N ASP C 138 -18.09 7.18 30.98
CA ASP C 138 -18.77 8.23 31.74
C ASP C 138 -20.07 7.72 32.31
N GLU C 139 -20.68 6.74 31.66
CA GLU C 139 -21.94 6.19 32.14
C GLU C 139 -21.77 5.44 33.47
N ASN C 140 -20.52 5.14 33.81
CA ASN C 140 -20.22 4.45 35.07
C ASN C 140 -19.45 5.35 36.03
N VAL C 141 -18.37 5.95 35.55
CA VAL C 141 -17.56 6.80 36.39
C VAL C 141 -18.20 8.14 36.80
N LEU C 142 -18.87 8.80 35.87
CA LEU C 142 -19.52 10.06 36.20
C LEU C 142 -20.77 9.74 37.01
N ASN C 143 -21.15 10.70 37.85
CA ASN C 143 -22.32 10.55 38.70
C ASN C 143 -23.62 10.73 37.91
N TYR C 144 -24.20 9.60 37.51
CA TYR C 144 -25.44 9.55 36.78
C TYR C 144 -26.06 8.22 37.08
N LYS D 7 -23.61 -0.22 33.06
CA LYS D 7 -22.40 -0.66 33.81
C LYS D 7 -21.59 -1.72 33.07
N GLN D 8 -22.29 -2.56 32.31
CA GLN D 8 -21.63 -3.64 31.58
C GLN D 8 -21.43 -3.27 30.11
N PHE D 9 -20.24 -3.54 29.59
CA PHE D 9 -19.96 -3.21 28.20
C PHE D 9 -19.52 -4.39 27.35
N ALA D 10 -20.14 -4.51 26.19
CA ALA D 10 -19.81 -5.60 25.26
C ALA D 10 -19.51 -4.99 23.90
N VAL D 11 -18.48 -5.49 23.24
CA VAL D 11 -18.13 -4.96 21.94
C VAL D 11 -17.94 -6.08 20.92
N ILE D 12 -18.73 -6.04 19.87
CA ILE D 12 -18.70 -7.04 18.80
C ILE D 12 -18.08 -6.46 17.56
N GLY D 13 -16.91 -6.97 17.17
CA GLY D 13 -16.25 -6.46 15.98
C GLY D 13 -14.96 -5.76 16.36
N LEU D 14 -13.92 -6.55 16.59
CA LEU D 14 -12.63 -6.02 16.99
C LEU D 14 -11.76 -5.41 15.89
N GLY D 15 -12.34 -4.53 15.08
CA GLY D 15 -11.57 -3.89 14.03
C GLY D 15 -10.85 -2.68 14.62
N ARG D 16 -10.43 -1.74 13.79
CA ARG D 16 -9.74 -0.55 14.32
C ARG D 16 -10.61 0.18 15.34
N PHE D 17 -11.87 0.40 14.98
CA PHE D 17 -12.84 1.09 15.84
C PHE D 17 -13.14 0.30 17.10
N GLY D 18 -13.75 -0.87 16.93
CA GLY D 18 -14.07 -1.69 18.09
C GLY D 18 -12.85 -2.00 18.93
N GLY D 19 -11.77 -2.42 18.28
CA GLY D 19 -10.56 -2.74 19.01
C GLY D 19 -10.18 -1.63 19.97
N SER D 20 -10.11 -0.42 19.42
CA SER D 20 -9.75 0.80 20.15
C SER D 20 -10.68 1.03 21.33
N ILE D 21 -11.96 0.72 21.13
CA ILE D 21 -12.97 0.92 22.15
C ILE D 21 -12.78 -0.07 23.30
N VAL D 22 -12.36 -1.29 22.98
CA VAL D 22 -12.17 -2.31 24.02
C VAL D 22 -10.93 -1.96 24.86
N LYS D 23 -9.93 -1.41 24.19
CA LYS D 23 -8.67 -1.03 24.84
C LYS D 23 -8.80 0.16 25.81
N GLU D 24 -9.58 1.18 25.45
CA GLU D 24 -9.77 2.33 26.33
C GLU D 24 -10.54 1.93 27.56
N LEU D 25 -11.65 1.22 27.35
CA LEU D 25 -12.49 0.77 28.44
C LEU D 25 -11.65 -0.01 29.43
N HIS D 26 -10.73 -0.81 28.91
CA HIS D 26 -9.84 -1.61 29.75
C HIS D 26 -8.88 -0.69 30.49
N ARG D 27 -8.34 0.30 29.78
CA ARG D 27 -7.39 1.25 30.36
C ARG D 27 -8.05 2.11 31.44
N MET D 28 -9.36 2.30 31.32
CA MET D 28 -10.12 3.08 32.28
C MET D 28 -10.56 2.15 33.39
N GLY D 29 -10.09 0.90 33.30
CA GLY D 29 -10.41 -0.10 34.29
C GLY D 29 -11.86 -0.53 34.37
N HIS D 30 -12.44 -0.84 33.21
CA HIS D 30 -13.82 -1.28 33.16
C HIS D 30 -13.84 -2.70 32.60
N GLU D 31 -14.91 -3.45 32.86
CA GLU D 31 -15.00 -4.81 32.33
C GLU D 31 -15.65 -4.83 30.96
N VAL D 32 -14.99 -5.51 30.01
CA VAL D 32 -15.51 -5.60 28.65
C VAL D 32 -15.53 -7.02 28.13
N LEU D 33 -16.54 -7.30 27.32
CA LEU D 33 -16.71 -8.60 26.67
C LEU D 33 -16.41 -8.28 25.20
N ALA D 34 -15.28 -8.77 24.71
CA ALA D 34 -14.86 -8.53 23.34
C ALA D 34 -15.13 -9.75 22.46
N VAL D 35 -16.02 -9.62 21.48
CA VAL D 35 -16.31 -10.75 20.61
C VAL D 35 -15.90 -10.51 19.16
N ASP D 36 -15.55 -11.59 18.47
CA ASP D 36 -15.17 -11.54 17.06
C ASP D 36 -15.16 -12.95 16.49
N ILE D 37 -15.43 -13.07 15.19
CA ILE D 37 -15.48 -14.36 14.52
C ILE D 37 -14.14 -15.07 14.37
N ASN D 38 -13.19 -14.45 13.68
CA ASN D 38 -11.90 -15.11 13.52
C ASN D 38 -11.11 -14.98 14.80
N GLU D 39 -10.62 -16.11 15.32
CA GLU D 39 -9.89 -16.14 16.57
C GLU D 39 -8.55 -15.42 16.57
N GLU D 40 -8.17 -14.86 15.43
CA GLU D 40 -6.93 -14.10 15.35
C GLU D 40 -7.13 -12.96 16.33
N LYS D 41 -8.08 -12.09 16.00
CA LYS D 41 -8.46 -10.93 16.81
C LYS D 41 -8.82 -11.29 18.25
N VAL D 42 -9.71 -12.26 18.40
CA VAL D 42 -10.16 -12.65 19.73
C VAL D 42 -9.00 -12.92 20.69
N ASN D 43 -7.87 -13.37 20.15
CA ASN D 43 -6.71 -13.64 20.99
C ASN D 43 -5.82 -12.43 21.11
N ALA D 44 -5.82 -11.58 20.09
CA ALA D 44 -5.02 -10.38 20.10
C ALA D 44 -5.55 -9.38 21.14
N TYR D 45 -6.81 -9.55 21.53
CA TYR D 45 -7.41 -8.64 22.51
C TYR D 45 -7.72 -9.32 23.83
N ALA D 46 -7.29 -10.58 23.95
CA ALA D 46 -7.52 -11.34 25.16
C ALA D 46 -6.98 -10.62 26.39
N SER D 47 -5.79 -10.08 26.26
CA SER D 47 -5.15 -9.37 27.38
C SER D 47 -5.80 -8.02 27.65
N TYR D 48 -6.24 -7.35 26.59
CA TYR D 48 -6.85 -6.04 26.74
C TYR D 48 -8.34 -6.05 27.05
N ALA D 49 -8.90 -7.24 27.28
CA ALA D 49 -10.31 -7.35 27.58
C ALA D 49 -10.53 -8.20 28.82
N THR D 50 -11.72 -8.13 29.38
CA THR D 50 -12.05 -8.90 30.58
C THR D 50 -12.59 -10.27 30.20
N HIS D 51 -12.91 -10.47 28.93
CA HIS D 51 -13.47 -11.73 28.49
C HIS D 51 -13.60 -11.76 26.97
N ALA D 52 -12.56 -12.23 26.29
CA ALA D 52 -12.56 -12.30 24.83
C ALA D 52 -13.23 -13.60 24.39
N VAL D 53 -14.09 -13.52 23.37
CA VAL D 53 -14.78 -14.71 22.90
C VAL D 53 -14.88 -14.81 21.38
N ILE D 54 -14.64 -16.00 20.86
CA ILE D 54 -14.73 -16.21 19.42
C ILE D 54 -16.21 -16.55 19.20
N ALA D 55 -16.84 -15.85 18.27
CA ALA D 55 -18.26 -16.09 18.00
C ALA D 55 -18.75 -15.30 16.80
N ASN D 56 -19.93 -15.66 16.33
CA ASN D 56 -20.54 -15.01 15.17
C ASN D 56 -21.79 -14.28 15.64
N ALA D 57 -21.72 -12.94 15.68
CA ALA D 57 -22.85 -12.14 16.13
C ALA D 57 -24.16 -12.35 15.37
N THR D 58 -24.08 -12.87 14.15
CA THR D 58 -25.28 -13.10 13.34
C THR D 58 -26.06 -14.37 13.67
N GLU D 59 -25.62 -15.10 14.69
CA GLU D 59 -26.27 -16.33 15.11
C GLU D 59 -26.83 -16.18 16.53
N GLU D 60 -28.15 -16.15 16.63
CA GLU D 60 -28.80 -15.98 17.92
C GLU D 60 -28.27 -16.91 19.01
N ASN D 61 -28.06 -18.18 18.67
CA ASN D 61 -27.57 -19.13 19.67
C ASN D 61 -26.21 -18.76 20.23
N GLU D 62 -25.25 -18.41 19.36
CA GLU D 62 -23.92 -18.03 19.84
C GLU D 62 -24.06 -16.78 20.69
N LEU D 63 -25.12 -16.03 20.41
CA LEU D 63 -25.39 -14.79 21.13
C LEU D 63 -25.90 -15.07 22.54
N LEU D 64 -26.90 -15.93 22.67
CA LEU D 64 -27.43 -16.25 23.98
C LEU D 64 -26.41 -17.03 24.80
N SER D 65 -25.66 -17.90 24.14
CA SER D 65 -24.64 -18.68 24.82
C SER D 65 -23.54 -17.73 25.29
N LEU D 66 -23.51 -16.56 24.67
CA LEU D 66 -22.53 -15.53 25.00
C LEU D 66 -22.97 -14.74 26.23
N GLY D 67 -24.24 -14.88 26.60
CA GLY D 67 -24.76 -14.16 27.76
C GLY D 67 -24.93 -12.69 27.44
N ILE D 68 -25.20 -12.40 26.17
CA ILE D 68 -25.36 -11.05 25.67
C ILE D 68 -26.44 -10.19 26.36
N ARG D 69 -27.55 -10.81 26.74
CA ARG D 69 -28.62 -10.07 27.39
C ARG D 69 -28.30 -9.62 28.81
N ASN D 70 -27.07 -9.83 29.24
CA ASN D 70 -26.67 -9.41 30.58
C ASN D 70 -25.87 -8.12 30.51
N PHE D 71 -25.90 -7.47 29.36
CA PHE D 71 -25.15 -6.22 29.18
C PHE D 71 -26.09 -5.06 28.93
N GLU D 72 -25.70 -3.88 29.44
CA GLU D 72 -26.50 -2.68 29.28
C GLU D 72 -26.09 -1.92 28.01
N TYR D 73 -24.83 -2.07 27.61
CA TYR D 73 -24.34 -1.42 26.41
C TYR D 73 -23.60 -2.39 25.51
N VAL D 74 -24.07 -2.54 24.27
CA VAL D 74 -23.43 -3.42 23.31
C VAL D 74 -23.06 -2.63 22.07
N ILE D 75 -21.76 -2.56 21.77
CA ILE D 75 -21.32 -1.83 20.60
C ILE D 75 -21.07 -2.78 19.44
N VAL D 76 -21.80 -2.61 18.36
CA VAL D 76 -21.62 -3.44 17.18
C VAL D 76 -20.62 -2.69 16.31
N ALA D 77 -19.37 -3.16 16.31
CA ALA D 77 -18.30 -2.54 15.55
C ALA D 77 -17.90 -3.27 14.27
N ILE D 78 -18.84 -4.06 13.73
CA ILE D 78 -18.60 -4.79 12.48
C ILE D 78 -18.64 -3.72 11.40
N GLY D 79 -17.69 -3.74 10.47
CA GLY D 79 -17.67 -2.71 9.45
C GLY D 79 -18.05 -3.05 8.02
N ALA D 80 -17.08 -3.58 7.27
CA ALA D 80 -17.30 -3.95 5.88
C ALA D 80 -18.65 -4.59 5.63
N ASN D 81 -18.89 -5.72 6.28
CA ASN D 81 -20.13 -6.47 6.11
C ASN D 81 -21.39 -5.79 6.66
N ILE D 82 -22.00 -4.93 5.84
CA ILE D 82 -23.20 -4.21 6.22
C ILE D 82 -24.35 -5.14 6.64
N GLN D 83 -24.49 -6.27 5.96
CA GLN D 83 -25.52 -7.23 6.27
C GLN D 83 -25.35 -7.81 7.67
N ALA D 84 -24.15 -8.30 7.95
CA ALA D 84 -23.84 -8.88 9.26
C ALA D 84 -24.10 -7.84 10.35
N SER D 85 -23.62 -6.63 10.10
CA SER D 85 -23.78 -5.51 11.02
C SER D 85 -25.25 -5.26 11.30
N THR D 86 -26.04 -5.16 10.25
CA THR D 86 -27.46 -4.92 10.36
C THR D 86 -28.18 -6.08 11.03
N LEU D 87 -27.91 -7.29 10.57
CA LEU D 87 -28.55 -8.47 11.15
C LEU D 87 -28.24 -8.56 12.64
N THR D 88 -27.01 -8.25 13.00
CA THR D 88 -26.60 -8.31 14.40
C THR D 88 -27.39 -7.35 15.30
N THR D 89 -27.49 -6.07 14.93
CA THR D 89 -28.21 -5.15 15.80
C THR D 89 -29.67 -5.55 15.84
N LEU D 90 -30.12 -6.20 14.77
CA LEU D 90 -31.50 -6.66 14.71
C LEU D 90 -31.74 -7.73 15.77
N LEU D 91 -30.85 -8.72 15.84
CA LEU D 91 -30.98 -9.78 16.83
C LEU D 91 -30.91 -9.18 18.23
N LEU D 92 -29.91 -8.34 18.45
CA LEU D 92 -29.70 -7.67 19.74
C LEU D 92 -30.96 -6.93 20.18
N LYS D 93 -31.61 -6.24 19.24
CA LYS D 93 -32.83 -5.51 19.54
C LYS D 93 -33.90 -6.47 20.03
N GLU D 94 -33.93 -7.69 19.47
CA GLU D 94 -34.90 -8.68 19.91
C GLU D 94 -34.53 -9.17 21.29
N LEU D 95 -33.26 -9.49 21.51
CA LEU D 95 -32.81 -9.95 22.81
C LEU D 95 -33.13 -8.85 23.83
N ASP D 96 -33.54 -7.69 23.33
CA ASP D 96 -33.90 -6.55 24.15
C ASP D 96 -32.78 -5.84 24.88
N ILE D 97 -31.65 -5.63 24.21
CA ILE D 97 -30.54 -4.94 24.84
C ILE D 97 -30.92 -3.46 25.01
N PRO D 98 -30.75 -2.91 26.22
CA PRO D 98 -31.07 -1.51 26.55
C PRO D 98 -30.36 -0.44 25.70
N ASN D 99 -29.06 -0.61 25.48
CA ASN D 99 -28.33 0.36 24.67
C ASN D 99 -27.47 -0.34 23.64
N ILE D 100 -27.82 -0.15 22.38
CA ILE D 100 -27.03 -0.75 21.32
C ILE D 100 -26.53 0.35 20.40
N TRP D 101 -25.22 0.52 20.37
CA TRP D 101 -24.58 1.52 19.55
C TRP D 101 -23.94 0.82 18.37
N VAL D 102 -24.20 1.31 17.16
CA VAL D 102 -23.68 0.69 15.96
C VAL D 102 -22.88 1.56 14.99
N LYS D 103 -21.79 0.98 14.48
CA LYS D 103 -20.98 1.69 13.51
C LYS D 103 -21.71 1.55 12.18
N ALA D 104 -21.92 2.67 11.49
CA ALA D 104 -22.61 2.66 10.22
C ALA D 104 -21.63 2.97 9.10
N GLN D 105 -21.76 2.28 7.97
CA GLN D 105 -20.86 2.51 6.84
C GLN D 105 -21.23 3.66 5.91
N ASN D 106 -22.51 4.03 5.87
CA ASN D 106 -22.95 5.11 5.01
C ASN D 106 -24.36 5.56 5.37
N TYR D 107 -24.88 6.52 4.60
CA TYR D 107 -26.21 7.06 4.87
C TYR D 107 -27.32 6.01 4.95
N TYR D 108 -27.41 5.15 3.95
CA TYR D 108 -28.45 4.13 3.93
C TYR D 108 -28.29 3.09 5.02
N HIS D 109 -27.07 2.64 5.26
CA HIS D 109 -26.83 1.66 6.31
C HIS D 109 -27.36 2.31 7.59
N HIS D 110 -27.08 3.59 7.72
CA HIS D 110 -27.50 4.37 8.86
C HIS D 110 -29.02 4.40 8.93
N LYS D 111 -29.66 4.65 7.80
CA LYS D 111 -31.10 4.75 7.73
C LYS D 111 -31.81 3.51 8.27
N VAL D 112 -31.42 2.33 7.79
CA VAL D 112 -32.08 1.11 8.26
C VAL D 112 -31.74 0.81 9.73
N LEU D 113 -30.58 1.26 10.19
CA LEU D 113 -30.20 1.02 11.58
C LEU D 113 -31.17 1.75 12.50
N GLU D 114 -31.62 2.94 12.08
CA GLU D 114 -32.58 3.69 12.88
C GLU D 114 -33.85 2.87 12.96
N LYS D 115 -34.36 2.48 11.80
CA LYS D 115 -35.58 1.70 11.69
C LYS D 115 -35.53 0.42 12.53
N ILE D 116 -34.39 -0.27 12.50
CA ILE D 116 -34.23 -1.50 13.25
C ILE D 116 -34.29 -1.21 14.75
N GLY D 117 -33.97 0.01 15.14
CA GLY D 117 -34.01 0.38 16.55
C GLY D 117 -32.70 0.70 17.24
N ALA D 118 -31.63 0.91 16.48
CA ALA D 118 -30.33 1.24 17.06
C ALA D 118 -30.45 2.51 17.90
N ASP D 119 -29.75 2.53 19.03
CA ASP D 119 -29.81 3.67 19.94
C ASP D 119 -28.85 4.82 19.62
N ARG D 120 -27.70 4.50 19.09
CA ARG D 120 -26.72 5.50 18.73
C ARG D 120 -25.99 4.97 17.51
N ILE D 121 -25.93 5.76 16.44
CA ILE D 121 -25.26 5.34 15.22
C ILE D 121 -24.00 6.16 15.02
N ILE D 122 -22.86 5.48 14.88
CA ILE D 122 -21.58 6.16 14.74
C ILE D 122 -20.90 6.05 13.36
N HIS D 123 -20.42 7.20 12.88
CA HIS D 123 -19.72 7.31 11.60
C HIS D 123 -18.33 7.82 12.00
N PRO D 124 -17.47 6.92 12.51
CA PRO D 124 -16.11 7.21 12.97
C PRO D 124 -15.33 8.29 12.23
N GLU D 125 -15.22 8.14 10.92
CA GLU D 125 -14.45 9.09 10.15
C GLU D 125 -15.11 10.46 10.06
N LYS D 126 -16.41 10.48 9.78
CA LYS D 126 -17.11 11.76 9.69
C LYS D 126 -17.11 12.47 11.04
N ASP D 127 -17.52 11.76 12.08
CA ASP D 127 -17.55 12.36 13.40
C ASP D 127 -16.20 12.93 13.79
N MET D 128 -15.12 12.21 13.49
CA MET D 128 -13.77 12.67 13.81
C MET D 128 -13.46 13.92 13.01
N GLY D 129 -13.95 13.94 11.77
CA GLY D 129 -13.73 15.08 10.91
C GLY D 129 -14.27 16.36 11.55
N VAL D 130 -15.49 16.33 12.07
CA VAL D 130 -16.05 17.53 12.69
C VAL D 130 -15.31 17.84 13.98
N LYS D 131 -14.92 16.79 14.70
CA LYS D 131 -14.19 16.96 15.94
C LYS D 131 -12.86 17.64 15.63
N ILE D 132 -12.21 17.22 14.55
CA ILE D 132 -10.93 17.80 14.12
C ILE D 132 -11.07 19.27 13.69
N ALA D 133 -12.16 19.59 12.99
CA ALA D 133 -12.38 20.96 12.54
C ALA D 133 -12.57 21.87 13.76
N GLN D 134 -13.27 21.36 14.76
CA GLN D 134 -13.49 22.13 15.97
C GLN D 134 -12.17 22.38 16.63
N SER D 135 -11.31 21.37 16.62
CA SER D 135 -9.99 21.49 17.24
C SER D 135 -9.17 22.53 16.48
N LEU D 136 -9.42 22.64 15.18
CA LEU D 136 -8.72 23.61 14.35
C LEU D 136 -9.09 25.04 14.71
N SER D 137 -10.35 25.29 15.03
CA SER D 137 -10.76 26.64 15.41
C SER D 137 -10.09 26.96 16.75
N ASP D 138 -10.23 26.04 17.69
CA ASP D 138 -9.70 26.16 19.05
C ASP D 138 -8.20 26.47 19.15
N GLU D 139 -7.54 26.61 18.00
CA GLU D 139 -6.12 26.93 17.97
C GLU D 139 -5.93 28.12 17.04
N ASN D 140 -6.47 29.27 17.45
CA ASN D 140 -6.40 30.49 16.66
C ASN D 140 -7.18 30.33 15.37
PA NAI E . 8.99 -10.05 -0.70
O1A NAI E . 8.09 -8.89 -0.70
O2A NAI E . 8.61 -11.05 0.31
O5B NAI E . 10.51 -9.69 -0.40
C5B NAI E . 10.88 -8.78 0.66
C4B NAI E . 11.76 -9.51 1.63
O4B NAI E . 11.96 -8.58 2.73
C3B NAI E . 11.15 -10.78 2.25
O3B NAI E . 12.05 -11.89 2.27
C2B NAI E . 10.67 -10.29 3.62
O2B NAI E . 10.67 -11.35 4.60
C1B NAI E . 11.67 -9.18 3.95
N9A NAI E . 11.09 -8.16 4.82
C8A NAI E . 9.83 -7.60 4.79
N7A NAI E . 9.60 -6.66 5.75
C5A NAI E . 10.83 -6.65 6.44
C6A NAI E . 11.27 -5.88 7.58
N6A NAI E . 10.50 -4.99 8.20
N1A NAI E . 12.57 -6.12 8.02
C2A NAI E . 13.37 -7.06 7.36
N3A NAI E . 13.04 -7.80 6.31
C4A NAI E . 11.76 -7.56 5.89
O3 NAI E . 9.10 -10.64 -2.12
PN NAI E . 9.88 -10.17 -3.42
O1N NAI E . 11.12 -10.99 -3.52
O2N NAI E . 10.11 -8.72 -3.26
O5D NAI E . 8.87 -10.60 -4.60
C5D NAI E . 9.07 -10.08 -5.93
C4D NAI E . 7.83 -9.31 -6.34
O4D NAI E . 6.65 -10.11 -6.07
C3D NAI E . 7.67 -7.97 -5.60
O3D NAI E . 7.55 -6.82 -6.47
C2D NAI E . 6.44 -8.22 -4.71
O2D NAI E . 5.73 -6.97 -4.48
C1D NAI E . 5.67 -9.26 -5.51
N1N NAI E . 4.69 -10.06 -4.70
C2N NAI E . 5.24 -11.01 -3.83
C3N NAI E . 4.33 -11.76 -3.06
C7N NAI E . 4.79 -12.83 -2.07
O7N NAI E . 3.95 -13.45 -1.44
N7N NAI E . 6.11 -13.07 -1.90
C4N NAI E . 2.89 -11.56 -3.18
C5N NAI E . 2.48 -10.55 -4.11
C6N NAI E . 3.30 -9.79 -4.89
PA NAI F . 0.80 -8.66 -14.45
O1A NAI F . 0.66 -10.08 -14.13
O2A NAI F . -0.47 -7.92 -14.34
O5B NAI F . 1.31 -8.37 -15.94
C5B NAI F . 1.18 -9.35 -17.01
C4B NAI F . 0.55 -8.67 -18.20
O4B NAI F . 0.14 -9.74 -19.10
C3B NAI F . -0.72 -7.87 -17.90
O3B NAI F . -0.65 -6.52 -18.37
C2B NAI F . -1.84 -8.71 -18.54
O2B NAI F . -2.90 -7.87 -19.06
C1B NAI F . -1.13 -9.47 -19.63
N9A NAI F . -1.75 -10.76 -19.91
C8A NAI F . -2.17 -11.75 -19.03
N7A NAI F . -2.71 -12.83 -19.63
C5A NAI F . -2.64 -12.50 -20.99
C6A NAI F . -3.04 -13.22 -22.18
N6A NAI F . -3.61 -14.43 -22.15
N1A NAI F . -2.82 -12.59 -23.39
C2A NAI F . -2.24 -11.33 -23.42
N3A NAI F . -1.84 -10.60 -22.38
C4A NAI F . -2.06 -11.24 -21.19
O3 NAI F . 1.95 -8.04 -13.60
PN NAI F . 3.46 -7.64 -13.90
O1N NAI F . 3.50 -6.15 -14.02
O2N NAI F . 3.89 -8.34 -15.13
O5D NAI F . 4.24 -8.07 -12.58
C5D NAI F . 4.10 -9.43 -12.09
C4D NAI F . 4.39 -9.46 -10.61
O4D NAI F . 3.75 -8.32 -9.96
C3D NAI F . 3.92 -10.73 -9.90
O3D NAI F . 4.96 -11.43 -9.17
C2D NAI F . 2.75 -10.22 -9.02
O2D NAI F . 2.61 -11.04 -7.83
C1D NAI F . 3.17 -8.77 -8.76
N1N NAI F . 2.06 -7.84 -8.37
C2N NAI F . 0.97 -7.81 -9.22
C3N NAI F . -0.08 -6.95 -8.88
C7N NAI F . -1.34 -6.82 -9.73
O7N NAI F . -2.22 -6.04 -9.39
N7N NAI F . -1.45 -7.56 -10.86
C4N NAI F . -0.01 -6.11 -7.68
C5N NAI F . 1.17 -6.26 -6.89
C6N NAI F . 2.23 -7.08 -7.17
PA NAI G . -10.95 7.96 -0.15
O1A NAI G . -9.75 7.14 0.00
O2A NAI G . -11.43 8.01 -1.55
O5B NAI G . -10.78 9.48 0.28
C5B NAI G . -9.64 10.26 -0.12
C4B NAI G . -10.09 11.46 -0.91
O4B NAI G . -8.87 12.08 -1.43
C3B NAI G . -10.94 11.16 -2.16
O3B NAI G . -12.02 12.09 -2.31
C2B NAI G . -9.90 11.16 -3.28
O2B NAI G . -10.48 11.44 -4.57
C1B NAI G . -8.92 12.22 -2.82
N9A NAI G . -7.59 12.03 -3.36
C8A NAI G . -6.88 10.86 -3.58
N7A NAI G . -5.64 11.05 -4.09
C5A NAI G . -5.57 12.44 -4.20
C6A NAI G . -4.52 13.32 -4.67
N6A NAI G . -3.34 12.88 -5.12
N1A NAI G . -4.79 14.68 -4.63
C2A NAI G . -6.01 15.14 -4.15
N3A NAI G . -7.03 14.41 -3.71
C4A NAI G . -6.76 13.06 -3.74
O3 NAI G . -12.04 7.48 0.84
PN NAI G . -12.21 7.70 2.41
O1N NAI G . -13.21 8.79 2.57
O2N NAI G . -10.86 7.99 2.95
O5D NAI G . -12.86 6.32 2.88
C5D NAI G . -12.91 6.00 4.29
C4D NAI G . -12.13 4.73 4.55
O4D NAI G . -12.56 3.70 3.59
C3D NAI G . -10.61 4.88 4.42
O3D NAI G . -9.86 4.47 5.58
C2D NAI G . -10.30 4.08 3.15
O2D NAI G . -8.95 3.55 3.21
C1D NAI G . -11.41 3.04 3.14
N1N NAI G . -11.66 2.43 1.79
C2N NAI G . -12.30 3.25 0.85
C3N NAI G . -12.54 2.69 -0.41
C7N NAI G . -13.23 3.46 -1.53
O7N NAI G . -13.42 2.91 -2.61
N7N NAI G . -13.63 4.73 -1.32
C4N NAI G . -12.14 1.31 -0.72
C5N NAI G . -11.50 0.61 0.33
C6N NAI G . -11.23 1.09 1.59
PA NAI H . -13.30 -4.79 9.41
O1A NAI H . -14.53 -4.77 8.59
O2A NAI H . -12.40 -5.90 9.04
O5B NAI H . -13.57 -5.00 10.98
C5B NAI H . -14.83 -5.48 11.48
C4B NAI H . -14.59 -6.54 12.51
O4B NAI H . -15.84 -7.27 12.65
C3B NAI H . -13.54 -7.62 12.11
O3B NAI H . -12.51 -7.76 13.09
C2B NAI H . -14.40 -8.87 11.87
O2B NAI H . -13.70 -10.08 12.21
C1B NAI H . -15.61 -8.63 12.75
N9A NAI H . -16.80 -9.33 12.26
C8A NAI H . -17.34 -9.33 10.99
N7A NAI H . -18.47 -10.09 10.86
C5A NAI H . -18.63 -10.61 12.15
C6A NAI H . -19.62 -11.49 12.72
N6A NAI H . -20.63 -12.00 12.02
N1A NAI H . -19.47 -11.80 14.07
C2A NAI H . -18.41 -11.28 14.80
N3A NAI H . -17.46 -10.46 14.36
C4A NAI H . -17.61 -10.16 13.03
O3 NAI H . -12.60 -3.40 9.36
PN NAI H . -12.48 -2.18 10.39
O1N NAI H . -11.12 -2.25 11.01
O2N NAI H . -13.60 -2.30 11.36
O5D NAI H . -12.55 -0.88 9.46
C5D NAI H . -13.68 -0.73 8.56
C4D NAI H . -13.28 0.22 7.46
O4D NAI H . -11.91 -0.09 7.06
C3D NAI H . -14.17 0.14 6.22
O3D NAI H . -14.74 1.41 5.83
C2D NAI H . -13.23 -0.50 5.17
O2D NAI H . -13.58 -0.05 3.83
C1D NAI H . -11.85 -0.07 5.65
N1N NAI H . -10.71 -0.95 5.19
C2N NAI H . -10.85 -2.32 5.46
C3N NAI H . -9.80 -3.14 5.04
C7N NAI H . -9.81 -4.66 5.27
O7N NAI H . -8.86 -5.32 4.87
N7N NAI H . -10.86 -5.23 5.88
C4N NAI H . -8.63 -2.59 4.36
C5N NAI H . -8.62 -1.18 4.17
C6N NAI H . -9.62 -0.31 4.54
#